data_3OLE
#
_entry.id   3OLE
#
_cell.length_a   52.325
_cell.length_b   67.881
_cell.length_c   130.981
_cell.angle_alpha   90.00
_cell.angle_beta   90.00
_cell.angle_gamma   90.00
#
_symmetry.space_group_name_H-M   'P 21 21 21'
#
loop_
_entity.id
_entity.type
_entity.pdbx_description
1 polymer 'Pancreatic alpha-amylase'
2 branched alpha-D-quinovopyranose-(1-4)-alpha-D-glucopyranose
3 branched alpha-D-quinovopyranose-(1-4)-alpha-D-glucopyranose-(1-4)-alpha-D-glucopyranose
4 branched alpha-D-glucopyranose-(1-4)-alpha-D-glucopyranose-(1-4)-alpha-D-glucopyranose
5 branched alpha-D-glucopyranose-(1-4)-alpha-D-glucopyranose-(1-4)-beta-D-glucopyranose
6 non-polymer 'CALCIUM ION'
7 non-polymer 'CHLORIDE ION'
8 non-polymer 'SULFATE ION'
9 non-polymer 2-acetamido-2-deoxy-beta-D-glucopyranose
10 non-polymer 6-AMINO-4-HYDROXYMETHYL-CYCLOHEX-4-ENE-1,2,3-TRIOL
11 non-polymer 'PYROGLUTAMIC ACID'
12 non-polymer (4S)-2-METHYL-2,4-PENTANEDIOL
13 water water
#
_entity_poly.entity_id   1
_entity_poly.type   'polypeptide(L)'
_entity_poly.pdbx_seq_one_letter_code
;QYSPNTQQGRTSIVHLFEWRWVDIALECERYLAPKGFGGVQVSPPNENVAIYNPFRPWWERYQPVSYKLCTRSGNEDEFR
NMVTRCNNVGVRIYVDAVINHMCGNAVSAGTSSTCGSYFNPGSRDFPAVPYSGWDFNDGKCKTGSGDIENYNDATQVRDC
RLTGLLDLALEKDYVRSKIAEYMNHLIDIGVAGFRLDASKHMWPGDIKAILDKLHNLNSNWFPAGSKPFIYQEVIDLGGE
PIKSSDYFGNGRVTEFKYGAKLGTVIRKWNGEKMSYLKNWGEGWGFMPSDRALVFVDNHDNQRGHGAGGASILTFWDARL
YKMAVGFMLAHPYGFTRVMSSYRWPRQFQNGNDVNDWVGPPNNNGVIKEVTINPDTTCGNDWVCEHRWRQIRNMVIFRNV
VDGQPFTNWYDNGSNQVAFGRGNRGFIVFNNDDWSFSLTLQTGLPAGTYCDVISGDKINGNCTGIKIYVSDDGKAHFSIS
NSAEDPFIAIHAESKL
;
_entity_poly.pdbx_strand_id   A
#
loop_
_chem_comp.id
_chem_comp.type
_chem_comp.name
_chem_comp.formula
ACI non-polymer 6-AMINO-4-HYDROXYMETHYL-CYCLOHEX-4-ENE-1,2,3-TRIOL 'C7 H13 N O4'
BGC D-saccharide, beta linking beta-D-glucopyranose 'C6 H12 O6'
CA non-polymer 'CALCIUM ION' 'Ca 2'
CL non-polymer 'CHLORIDE ION' 'Cl -1'
G6D D-saccharide, alpha linking alpha-D-quinovopyranose 'C6 H12 O5'
GLC D-saccharide, alpha linking alpha-D-glucopyranose 'C6 H12 O6'
MPD non-polymer (4S)-2-METHYL-2,4-PENTANEDIOL 'C6 H14 O2'
NAG D-saccharide, beta linking 2-acetamido-2-deoxy-beta-D-glucopyranose 'C8 H15 N O6'
SO4 non-polymer 'SULFATE ION' 'O4 S -2'
#
# COMPACT_ATOMS: atom_id res chain seq x y z
N TYR A 2 -14.93 1.23 6.88
CA TYR A 2 -14.38 2.10 5.79
C TYR A 2 -13.37 3.09 6.38
N SER A 3 -13.44 3.22 7.69
CA SER A 3 -12.55 4.10 8.44
C SER A 3 -11.28 3.34 8.81
N PRO A 4 -10.11 3.98 8.65
CA PRO A 4 -8.83 3.34 8.97
C PRO A 4 -8.54 3.07 10.44
N ASN A 5 -9.24 3.74 11.34
CA ASN A 5 -9.03 3.57 12.78
C ASN A 5 -7.68 4.13 13.21
N THR A 6 -7.14 5.06 12.43
CA THR A 6 -5.87 5.69 12.78
C THR A 6 -6.21 6.82 13.73
N GLN A 7 -5.19 7.42 14.33
CA GLN A 7 -5.43 8.54 15.23
C GLN A 7 -5.93 9.71 14.41
N GLN A 8 -6.72 10.58 15.04
CA GLN A 8 -7.23 11.76 14.35
C GLN A 8 -6.00 12.51 13.87
N GLY A 9 -5.99 12.92 12.60
CA GLY A 9 -4.85 13.66 12.10
C GLY A 9 -3.78 12.85 11.40
N ARG A 10 -3.86 11.52 11.48
CA ARG A 10 -2.90 10.65 10.78
C ARG A 10 -3.68 10.11 9.60
N THR A 11 -3.19 10.42 8.41
CA THR A 11 -3.89 10.08 7.17
C THR A 11 -3.29 9.09 6.17
N SER A 12 -2.23 8.40 6.55
CA SER A 12 -1.62 7.44 5.62
C SER A 12 -1.14 6.17 6.31
N ILE A 13 -0.98 5.12 5.52
CA ILE A 13 -0.43 3.88 6.04
C ILE A 13 0.76 3.58 5.13
N VAL A 14 1.74 2.86 5.66
CA VAL A 14 2.92 2.52 4.88
C VAL A 14 3.04 1.01 4.83
N HIS A 15 3.39 0.50 3.64
CA HIS A 15 3.56 -0.94 3.47
C HIS A 15 5.03 -1.26 3.72
N LEU A 16 5.33 -1.80 4.89
CA LEU A 16 6.71 -2.18 5.21
C LEU A 16 6.85 -3.62 4.72
N PHE A 17 6.93 -3.73 3.40
CA PHE A 17 7.03 -4.98 2.67
C PHE A 17 8.18 -5.90 3.09
N GLU A 18 7.80 -7.08 3.59
CA GLU A 18 8.75 -8.10 4.05
C GLU A 18 9.57 -7.76 5.28
N TRP A 19 9.21 -6.69 5.98
CA TRP A 19 9.93 -6.30 7.19
C TRP A 19 9.66 -7.30 8.32
N ARG A 20 10.65 -7.48 9.18
CA ARG A 20 10.53 -8.37 10.33
C ARG A 20 9.74 -7.63 11.41
N TRP A 21 9.03 -8.37 12.25
CA TRP A 21 8.23 -7.77 13.31
C TRP A 21 9.04 -6.89 14.26
N VAL A 22 10.22 -7.36 14.68
CA VAL A 22 11.03 -6.57 15.60
C VAL A 22 11.44 -5.23 14.99
N ASP A 23 11.70 -5.21 13.69
CA ASP A 23 12.09 -3.98 13.03
C ASP A 23 10.90 -3.02 12.91
N ILE A 24 9.72 -3.56 12.65
CA ILE A 24 8.54 -2.73 12.55
C ILE A 24 8.23 -2.11 13.93
N ALA A 25 8.37 -2.92 14.98
CA ALA A 25 8.10 -2.43 16.33
C ALA A 25 9.00 -1.23 16.63
N LEU A 26 10.28 -1.37 16.32
CA LEU A 26 11.24 -0.30 16.53
C LEU A 26 10.90 0.91 15.67
N GLU A 27 10.56 0.66 14.41
CA GLU A 27 10.22 1.73 13.49
C GLU A 27 9.02 2.53 13.98
N CYS A 28 8.05 1.84 14.58
CA CYS A 28 6.88 2.52 15.12
C CYS A 28 7.29 3.54 16.17
N GLU A 29 8.11 3.10 17.10
CA GLU A 29 8.57 3.94 18.20
C GLU A 29 9.55 5.04 17.85
N ARG A 30 10.53 4.73 17.00
CA ARG A 30 11.57 5.69 16.65
C ARG A 30 11.26 6.60 15.46
N TYR A 31 10.28 6.24 14.65
CA TYR A 31 10.01 7.03 13.47
C TYR A 31 8.55 7.25 13.07
N LEU A 32 7.81 6.17 12.88
CA LEU A 32 6.42 6.29 12.46
C LEU A 32 5.57 7.14 13.40
N ALA A 33 5.78 6.98 14.70
CA ALA A 33 5.01 7.75 15.66
C ALA A 33 5.31 9.25 15.56
N PRO A 34 6.58 9.66 15.78
CA PRO A 34 6.89 11.08 15.69
C PRO A 34 6.67 11.74 14.32
N LYS A 35 6.74 10.95 13.25
CA LYS A 35 6.56 11.51 11.92
C LYS A 35 5.11 11.49 11.42
N GLY A 36 4.18 11.14 12.30
CA GLY A 36 2.77 11.15 11.95
C GLY A 36 2.18 10.10 11.03
N PHE A 37 2.82 8.95 10.89
CA PHE A 37 2.27 7.90 10.04
C PHE A 37 1.09 7.26 10.75
N GLY A 38 0.03 6.97 10.01
CA GLY A 38 -1.15 6.39 10.62
C GLY A 38 -1.03 4.91 10.96
N GLY A 39 -0.37 4.15 10.11
CA GLY A 39 -0.24 2.73 10.37
C GLY A 39 0.66 2.01 9.41
N VAL A 40 0.74 0.71 9.58
CA VAL A 40 1.61 -0.14 8.76
C VAL A 40 0.90 -1.37 8.20
N GLN A 41 1.06 -1.61 6.91
CA GLN A 41 0.51 -2.81 6.31
C GLN A 41 1.69 -3.79 6.42
N VAL A 42 1.47 -4.91 7.08
CA VAL A 42 2.53 -5.90 7.23
C VAL A 42 2.33 -7.04 6.24
N SER A 43 3.40 -7.77 5.95
CA SER A 43 3.29 -8.91 5.04
C SER A 43 2.49 -9.99 5.76
N PRO A 44 1.94 -10.97 5.02
CA PRO A 44 1.15 -12.05 5.64
C PRO A 44 1.86 -12.60 6.86
N PRO A 45 1.19 -12.56 8.03
CA PRO A 45 1.81 -13.07 9.26
C PRO A 45 1.60 -14.55 9.55
N ASN A 46 0.85 -15.21 8.67
CA ASN A 46 0.57 -16.64 8.84
C ASN A 46 1.58 -17.50 8.12
N GLU A 47 1.78 -18.72 8.64
CA GLU A 47 2.73 -19.67 8.07
C GLU A 47 2.50 -19.91 6.58
N ASN A 48 3.59 -19.90 5.82
CA ASN A 48 3.54 -20.10 4.38
C ASN A 48 4.52 -21.18 3.93
N VAL A 49 4.45 -21.51 2.65
CA VAL A 49 5.35 -22.52 2.09
C VAL A 49 6.75 -21.93 1.98
N ALA A 50 7.74 -22.74 2.34
CA ALA A 50 9.13 -22.32 2.23
C ALA A 50 9.53 -22.85 0.85
N ILE A 51 9.72 -21.94 -0.09
CA ILE A 51 10.08 -22.31 -1.46
C ILE A 51 11.56 -22.09 -1.68
N TYR A 52 12.24 -23.15 -2.13
CA TYR A 52 13.68 -23.10 -2.35
C TYR A 52 14.09 -22.94 -3.81
N ASN A 53 13.16 -23.17 -4.71
CA ASN A 53 13.42 -22.99 -6.13
C ASN A 53 12.27 -22.21 -6.75
N PRO A 54 12.47 -20.89 -6.99
CA PRO A 54 13.70 -20.14 -6.70
C PRO A 54 13.90 -19.98 -5.19
N PHE A 55 15.04 -19.38 -4.81
CA PHE A 55 15.35 -19.23 -3.40
C PHE A 55 14.57 -18.18 -2.60
N ARG A 56 13.66 -18.67 -1.77
CA ARG A 56 12.83 -17.85 -0.90
C ARG A 56 12.28 -16.58 -1.57
N PRO A 57 11.49 -16.74 -2.63
CA PRO A 57 10.92 -15.60 -3.32
C PRO A 57 9.95 -14.86 -2.42
N TRP A 58 9.74 -13.57 -2.68
CA TRP A 58 8.80 -12.82 -1.86
C TRP A 58 7.42 -13.45 -1.95
N TRP A 59 7.06 -13.97 -3.12
CA TRP A 59 5.72 -14.54 -3.28
C TRP A 59 5.43 -15.84 -2.56
N GLU A 60 6.42 -16.43 -1.89
CA GLU A 60 6.12 -17.67 -1.16
C GLU A 60 5.16 -17.36 -0.02
N ARG A 61 5.14 -16.10 0.42
CA ARG A 61 4.26 -15.69 1.52
C ARG A 61 2.79 -15.63 1.13
N TYR A 62 2.51 -15.81 -0.15
CA TYR A 62 1.12 -15.81 -0.59
C TYR A 62 0.62 -17.23 -0.84
N GLN A 63 1.32 -18.18 -0.23
CA GLN A 63 0.97 -19.59 -0.29
C GLN A 63 0.87 -20.12 1.14
N PRO A 64 -0.28 -19.92 1.78
CA PRO A 64 -0.52 -20.36 3.16
C PRO A 64 -0.41 -21.87 3.40
N VAL A 65 0.10 -22.22 4.58
CA VAL A 65 0.22 -23.60 5.01
C VAL A 65 -0.66 -23.78 6.25
N SER A 66 -0.80 -22.72 7.04
CA SER A 66 -1.63 -22.74 8.24
C SER A 66 -1.88 -21.29 8.67
N TYR A 67 -2.57 -21.13 9.80
CA TYR A 67 -2.83 -19.80 10.30
C TYR A 67 -1.97 -19.49 11.53
N LYS A 68 -0.94 -20.30 11.74
CA LYS A 68 -0.02 -20.05 12.86
C LYS A 68 0.74 -18.77 12.49
N LEU A 69 0.93 -17.87 13.46
CA LEU A 69 1.64 -16.61 13.20
C LEU A 69 3.14 -16.90 13.33
N CYS A 70 3.67 -17.55 12.31
CA CYS A 70 5.04 -17.99 12.32
C CYS A 70 5.61 -17.91 10.90
N THR A 71 6.38 -16.86 10.65
CA THR A 71 6.95 -16.59 9.34
C THR A 71 8.39 -16.11 9.44
N ARG A 72 8.98 -15.73 8.30
CA ARG A 72 10.33 -15.21 8.29
C ARG A 72 10.38 -13.84 8.96
N SER A 73 9.22 -13.23 9.17
CA SER A 73 9.17 -11.93 9.84
C SER A 73 9.23 -12.12 11.37
N GLY A 74 8.90 -13.33 11.82
CA GLY A 74 8.93 -13.61 13.24
C GLY A 74 7.84 -14.57 13.72
N ASN A 75 7.87 -14.89 15.00
CA ASN A 75 6.87 -15.80 15.58
C ASN A 75 5.70 -15.04 16.19
N GLU A 76 4.78 -15.76 16.83
CA GLU A 76 3.61 -15.10 17.40
C GLU A 76 3.94 -14.11 18.51
N ASP A 77 4.87 -14.47 19.39
CA ASP A 77 5.23 -13.56 20.46
C ASP A 77 5.81 -12.28 19.90
N GLU A 78 6.62 -12.40 18.85
CA GLU A 78 7.22 -11.22 18.24
C GLU A 78 6.15 -10.41 17.51
N PHE A 79 5.17 -11.10 16.93
CA PHE A 79 4.10 -10.39 16.24
C PHE A 79 3.28 -9.60 17.27
N ARG A 80 2.91 -10.25 18.37
CA ARG A 80 2.13 -9.57 19.41
C ARG A 80 2.91 -8.39 19.99
N ASN A 81 4.21 -8.59 20.20
CA ASN A 81 5.07 -7.55 20.74
C ASN A 81 5.04 -6.32 19.82
N MET A 82 5.06 -6.57 18.52
CA MET A 82 5.02 -5.50 17.53
C MET A 82 3.69 -4.73 17.56
N VAL A 83 2.59 -5.47 17.54
CA VAL A 83 1.27 -4.84 17.56
C VAL A 83 1.08 -4.03 18.84
N THR A 84 1.51 -4.58 19.96
CA THR A 84 1.38 -3.90 21.25
C THR A 84 2.18 -2.61 21.28
N ARG A 85 3.46 -2.70 20.90
CA ARG A 85 4.34 -1.54 20.91
C ARG A 85 3.90 -0.45 19.93
N CYS A 86 3.40 -0.87 18.77
CA CYS A 86 2.95 0.11 17.80
C CYS A 86 1.67 0.78 18.29
N ASN A 87 0.71 -0.01 18.78
CA ASN A 87 -0.52 0.57 19.29
C ASN A 87 -0.23 1.49 20.47
N ASN A 88 0.77 1.14 21.27
CA ASN A 88 1.11 1.97 22.42
C ASN A 88 1.64 3.34 22.05
N VAL A 89 2.08 3.51 20.81
CA VAL A 89 2.56 4.82 20.37
C VAL A 89 1.62 5.39 19.31
N GLY A 90 0.42 4.82 19.22
CA GLY A 90 -0.57 5.31 18.29
C GLY A 90 -0.38 5.03 16.81
N VAL A 91 0.31 3.96 16.48
CA VAL A 91 0.55 3.58 15.09
C VAL A 91 -0.12 2.22 14.89
N ARG A 92 -1.05 2.14 13.95
CA ARG A 92 -1.80 0.92 13.70
C ARG A 92 -1.13 -0.13 12.83
N ILE A 93 -1.64 -1.36 12.95
CA ILE A 93 -1.14 -2.49 12.18
C ILE A 93 -2.30 -3.06 11.36
N TYR A 94 -2.05 -3.22 10.07
CA TYR A 94 -3.04 -3.77 9.14
C TYR A 94 -2.43 -5.03 8.56
N VAL A 95 -3.17 -6.14 8.65
CA VAL A 95 -2.68 -7.41 8.17
C VAL A 95 -3.10 -7.78 6.75
N ASP A 96 -2.12 -8.28 5.99
CA ASP A 96 -2.35 -8.73 4.63
C ASP A 96 -2.93 -10.14 4.84
N ALA A 97 -4.24 -10.25 4.70
CA ALA A 97 -4.95 -11.51 4.90
C ALA A 97 -5.08 -12.32 3.62
N VAL A 98 -4.36 -13.44 3.57
CA VAL A 98 -4.38 -14.34 2.42
C VAL A 98 -5.38 -15.42 2.79
N ILE A 99 -6.64 -15.20 2.41
CA ILE A 99 -7.73 -16.10 2.77
C ILE A 99 -8.50 -16.73 1.62
N ASN A 100 -8.08 -16.45 0.39
CA ASN A 100 -8.76 -17.01 -0.77
C ASN A 100 -8.26 -18.42 -1.09
N HIS A 101 -7.03 -18.70 -0.69
CA HIS A 101 -6.42 -19.97 -1.03
C HIS A 101 -5.36 -20.44 -0.04
N MET A 102 -4.82 -21.63 -0.30
CA MET A 102 -3.74 -22.16 0.50
C MET A 102 -2.54 -22.21 -0.47
N CYS A 103 -1.76 -23.29 -0.46
CA CYS A 103 -0.58 -23.32 -1.34
C CYS A 103 -0.85 -23.73 -2.78
N GLY A 104 0.18 -23.62 -3.62
CA GLY A 104 0.06 -24.04 -5.00
C GLY A 104 -0.26 -25.52 -4.96
N ASN A 105 -1.13 -25.99 -5.85
CA ASN A 105 -1.52 -27.39 -5.86
C ASN A 105 -0.41 -28.37 -6.25
N ALA A 106 0.67 -27.86 -6.83
CA ALA A 106 1.78 -28.71 -7.25
C ALA A 106 2.97 -28.76 -6.30
N VAL A 107 2.90 -28.01 -5.20
CA VAL A 107 3.98 -27.99 -4.23
C VAL A 107 4.10 -29.37 -3.58
N SER A 108 5.33 -29.85 -3.42
CA SER A 108 5.58 -31.16 -2.82
C SER A 108 5.13 -31.25 -1.37
N ALA A 109 4.49 -32.37 -1.03
CA ALA A 109 4.02 -32.58 0.34
C ALA A 109 5.22 -32.68 1.27
N GLY A 110 5.05 -32.24 2.51
CA GLY A 110 6.13 -32.31 3.47
C GLY A 110 6.03 -31.24 4.53
N THR A 111 7.18 -30.84 5.08
CA THR A 111 7.22 -29.82 6.12
C THR A 111 8.06 -28.62 5.71
N SER A 112 8.11 -28.35 4.39
CA SER A 112 8.85 -27.21 3.89
C SER A 112 7.95 -26.00 4.06
N SER A 113 7.76 -25.60 5.31
CA SER A 113 6.92 -24.48 5.69
C SER A 113 7.67 -23.64 6.70
N THR A 114 7.25 -22.38 6.88
CA THR A 114 7.94 -21.48 7.78
C THR A 114 7.86 -21.84 9.27
N CYS A 115 6.98 -22.77 9.64
CA CYS A 115 6.89 -23.17 11.04
C CYS A 115 7.03 -24.69 11.15
N GLY A 116 7.34 -25.33 10.02
CA GLY A 116 7.51 -26.77 10.03
C GLY A 116 6.23 -27.60 10.01
N SER A 117 5.09 -26.95 9.81
CA SER A 117 3.84 -27.69 9.77
C SER A 117 3.80 -28.58 8.54
N TYR A 118 3.18 -29.75 8.68
CA TYR A 118 3.06 -30.67 7.56
C TYR A 118 1.88 -30.25 6.69
N PHE A 119 2.00 -30.49 5.39
CA PHE A 119 0.92 -30.20 4.46
C PHE A 119 1.12 -31.03 3.22
N ASN A 120 0.02 -31.40 2.58
CA ASN A 120 0.06 -32.23 1.38
C ASN A 120 -0.91 -31.64 0.35
N PRO A 121 -0.41 -30.75 -0.52
CA PRO A 121 -1.23 -30.12 -1.54
C PRO A 121 -1.96 -31.13 -2.42
N GLY A 122 -1.23 -32.18 -2.82
CA GLY A 122 -1.80 -33.21 -3.67
C GLY A 122 -3.05 -33.86 -3.11
N SER A 123 -3.09 -34.07 -1.80
CA SER A 123 -4.24 -34.69 -1.16
C SER A 123 -5.16 -33.65 -0.52
N ARG A 124 -4.84 -32.37 -0.72
CA ARG A 124 -5.62 -31.27 -0.17
C ARG A 124 -5.63 -31.33 1.34
N ASP A 125 -4.52 -31.79 1.91
CA ASP A 125 -4.39 -31.97 3.35
C ASP A 125 -3.53 -30.89 4.04
N PHE A 126 -4.18 -30.05 4.84
CA PHE A 126 -3.50 -29.01 5.61
C PHE A 126 -3.97 -29.20 7.04
N PRO A 127 -3.47 -30.25 7.70
CA PRO A 127 -3.83 -30.58 9.08
C PRO A 127 -3.60 -29.53 10.16
N ALA A 128 -2.74 -28.57 9.90
CA ALA A 128 -2.44 -27.53 10.88
C ALA A 128 -3.59 -26.52 11.03
N VAL A 129 -4.54 -26.55 10.11
CA VAL A 129 -5.65 -25.61 10.19
C VAL A 129 -6.82 -26.11 11.06
N PRO A 130 -7.45 -27.24 10.70
CA PRO A 130 -7.22 -28.16 9.58
C PRO A 130 -8.18 -27.97 8.40
N TYR A 131 -7.67 -28.24 7.20
CA TYR A 131 -8.48 -28.20 5.98
C TYR A 131 -8.23 -29.54 5.29
N SER A 132 -9.24 -30.02 4.57
CA SER A 132 -9.12 -31.27 3.83
C SER A 132 -9.75 -31.07 2.47
N GLY A 133 -9.78 -32.14 1.67
CA GLY A 133 -10.34 -32.06 0.33
C GLY A 133 -11.66 -31.33 0.14
N TRP A 134 -12.65 -31.59 0.99
CA TRP A 134 -13.93 -30.93 0.80
C TRP A 134 -13.96 -29.47 1.23
N ASP A 135 -12.81 -28.91 1.55
CA ASP A 135 -12.72 -27.51 1.94
C ASP A 135 -12.21 -26.68 0.76
N PHE A 136 -12.05 -27.32 -0.39
CA PHE A 136 -11.56 -26.64 -1.59
C PHE A 136 -12.58 -26.71 -2.72
N ASN A 137 -12.35 -25.91 -3.77
CA ASN A 137 -13.27 -25.84 -4.90
C ASN A 137 -13.06 -26.76 -6.10
N ASP A 138 -12.35 -27.87 -5.91
CA ASP A 138 -12.11 -28.80 -7.00
C ASP A 138 -13.35 -29.16 -7.81
N GLY A 139 -14.42 -29.53 -7.11
CA GLY A 139 -15.65 -29.90 -7.80
C GLY A 139 -16.46 -28.74 -8.34
N LYS A 140 -16.27 -27.57 -7.73
CA LYS A 140 -17.00 -26.37 -8.13
C LYS A 140 -16.47 -25.73 -9.41
N CYS A 141 -15.14 -25.71 -9.56
CA CYS A 141 -14.52 -25.11 -10.73
C CYS A 141 -14.87 -25.86 -12.02
N LYS A 142 -15.21 -25.13 -13.08
CA LYS A 142 -15.58 -25.74 -14.34
C LYS A 142 -14.57 -25.65 -15.49
N THR A 143 -13.38 -25.11 -15.24
CA THR A 143 -12.39 -25.02 -16.31
C THR A 143 -11.70 -26.35 -16.53
N GLY A 144 -11.21 -26.57 -17.75
CA GLY A 144 -10.53 -27.81 -18.07
C GLY A 144 -9.22 -28.03 -17.33
N SER A 145 -8.56 -26.92 -16.96
CA SER A 145 -7.28 -27.00 -16.25
C SER A 145 -7.45 -26.96 -14.74
N GLY A 146 -8.58 -26.44 -14.28
CA GLY A 146 -8.81 -26.32 -12.85
C GLY A 146 -8.32 -24.98 -12.37
N ASP A 147 -7.65 -24.24 -13.25
CA ASP A 147 -7.13 -22.91 -12.93
C ASP A 147 -7.95 -21.84 -13.65
N ILE A 148 -7.75 -20.60 -13.25
CA ILE A 148 -8.44 -19.49 -13.89
C ILE A 148 -7.81 -19.33 -15.27
N GLU A 149 -8.64 -19.36 -16.31
CA GLU A 149 -8.17 -19.26 -17.68
C GLU A 149 -8.65 -18.02 -18.42
N ASN A 150 -9.80 -17.49 -18.00
CA ASN A 150 -10.38 -16.35 -18.68
C ASN A 150 -11.09 -15.42 -17.71
N TYR A 151 -10.58 -14.21 -17.58
CA TYR A 151 -11.17 -13.24 -16.66
C TYR A 151 -12.49 -12.65 -17.15
N ASN A 152 -12.93 -13.05 -18.34
CA ASN A 152 -14.19 -12.58 -18.87
C ASN A 152 -15.34 -13.43 -18.32
N ASP A 153 -14.97 -14.48 -17.59
CA ASP A 153 -15.94 -15.37 -16.96
C ASP A 153 -15.83 -15.14 -15.45
N ALA A 154 -16.72 -14.30 -14.92
CA ALA A 154 -16.70 -13.95 -13.50
C ALA A 154 -16.81 -15.13 -12.54
N THR A 155 -17.43 -16.22 -12.99
CA THR A 155 -17.59 -17.38 -12.13
C THR A 155 -16.29 -18.15 -11.91
N GLN A 156 -15.56 -18.45 -12.99
CA GLN A 156 -14.30 -19.18 -12.81
C GLN A 156 -13.26 -18.34 -12.07
N VAL A 157 -13.37 -17.03 -12.16
CA VAL A 157 -12.42 -16.15 -11.48
C VAL A 157 -12.53 -16.37 -9.97
N ARG A 158 -13.73 -16.72 -9.52
CA ARG A 158 -14.02 -16.95 -8.10
C ARG A 158 -13.93 -18.40 -7.66
N ASP A 159 -14.26 -19.35 -8.53
CA ASP A 159 -14.28 -20.76 -8.15
C ASP A 159 -13.07 -21.59 -8.56
N CYS A 160 -12.22 -21.04 -9.41
CA CYS A 160 -11.06 -21.78 -9.86
C CYS A 160 -9.75 -21.27 -9.26
N ARG A 161 -8.68 -22.01 -9.49
CA ARG A 161 -7.38 -21.67 -8.91
C ARG A 161 -6.60 -20.54 -9.55
N LEU A 162 -6.33 -19.51 -8.76
CA LEU A 162 -5.53 -18.38 -9.23
C LEU A 162 -4.12 -18.94 -9.36
N THR A 163 -3.64 -19.04 -10.59
CA THR A 163 -2.34 -19.60 -10.90
C THR A 163 -2.01 -20.84 -10.08
N GLY A 164 -2.96 -21.77 -10.05
CA GLY A 164 -2.76 -23.03 -9.34
C GLY A 164 -2.92 -23.06 -7.83
N LEU A 165 -3.19 -21.90 -7.22
CA LEU A 165 -3.35 -21.86 -5.77
C LEU A 165 -4.64 -22.55 -5.36
N LEU A 166 -4.52 -23.55 -4.48
CA LEU A 166 -5.68 -24.31 -4.01
C LEU A 166 -6.73 -23.33 -3.48
N ASP A 167 -7.87 -23.33 -4.15
CA ASP A 167 -8.96 -22.42 -3.86
C ASP A 167 -9.93 -22.88 -2.76
N LEU A 168 -10.00 -22.11 -1.68
CA LEU A 168 -10.88 -22.47 -0.58
C LEU A 168 -12.37 -22.32 -0.87
N ALA A 169 -13.16 -23.24 -0.33
CA ALA A 169 -14.61 -23.24 -0.50
C ALA A 169 -15.21 -22.27 0.49
N LEU A 170 -15.11 -20.98 0.17
CA LEU A 170 -15.58 -19.92 1.04
C LEU A 170 -17.08 -19.85 1.29
N GLU A 171 -17.86 -20.71 0.65
CA GLU A 171 -19.29 -20.69 0.90
C GLU A 171 -19.60 -21.54 2.15
N LYS A 172 -18.66 -22.41 2.52
CA LYS A 172 -18.83 -23.28 3.68
C LYS A 172 -18.67 -22.54 5.00
N ASP A 173 -19.59 -22.78 5.92
CA ASP A 173 -19.47 -22.12 7.22
C ASP A 173 -18.20 -22.55 7.94
N TYR A 174 -17.79 -23.80 7.76
CA TYR A 174 -16.58 -24.27 8.42
C TYR A 174 -15.37 -23.45 7.97
N VAL A 175 -15.23 -23.30 6.66
CA VAL A 175 -14.10 -22.55 6.11
C VAL A 175 -14.17 -21.09 6.54
N ARG A 176 -15.36 -20.50 6.44
CA ARG A 176 -15.56 -19.11 6.85
C ARG A 176 -15.17 -18.96 8.32
N SER A 177 -15.53 -19.96 9.12
CA SER A 177 -15.22 -19.94 10.55
C SER A 177 -13.73 -20.08 10.88
N LYS A 178 -13.00 -20.86 10.11
CA LYS A 178 -11.57 -21.02 10.37
C LYS A 178 -10.87 -19.72 10.00
N ILE A 179 -11.31 -19.09 8.91
CA ILE A 179 -10.72 -17.83 8.49
C ILE A 179 -11.03 -16.76 9.55
N ALA A 180 -12.26 -16.76 10.04
CA ALA A 180 -12.67 -15.79 11.05
C ALA A 180 -11.90 -16.02 12.35
N GLU A 181 -11.62 -17.28 12.66
CA GLU A 181 -10.89 -17.63 13.87
C GLU A 181 -9.50 -16.98 13.79
N TYR A 182 -8.88 -17.08 12.61
CA TYR A 182 -7.57 -16.50 12.37
C TYR A 182 -7.62 -14.97 12.47
N MET A 183 -8.57 -14.36 11.77
CA MET A 183 -8.68 -12.91 11.78
C MET A 183 -9.05 -12.37 13.15
N ASN A 184 -9.89 -13.08 13.90
CA ASN A 184 -10.27 -12.62 15.22
C ASN A 184 -9.11 -12.74 16.21
N HIS A 185 -8.24 -13.72 15.98
CA HIS A 185 -7.07 -13.90 16.82
C HIS A 185 -6.26 -12.60 16.64
N LEU A 186 -6.09 -12.19 15.38
CA LEU A 186 -5.35 -10.98 15.06
C LEU A 186 -6.02 -9.73 15.62
N ILE A 187 -7.33 -9.61 15.47
CA ILE A 187 -8.03 -8.44 16.01
C ILE A 187 -7.88 -8.37 17.52
N ASP A 188 -8.05 -9.50 18.20
CA ASP A 188 -7.92 -9.50 19.66
C ASP A 188 -6.49 -9.19 20.10
N ILE A 189 -5.52 -9.45 19.22
CA ILE A 189 -4.12 -9.15 19.50
C ILE A 189 -3.93 -7.63 19.41
N GLY A 190 -4.77 -6.99 18.59
CA GLY A 190 -4.69 -5.55 18.45
C GLY A 190 -4.61 -4.98 17.04
N VAL A 191 -4.72 -5.81 16.00
CA VAL A 191 -4.65 -5.28 14.65
C VAL A 191 -5.87 -4.40 14.37
N ALA A 192 -5.68 -3.36 13.57
CA ALA A 192 -6.74 -2.42 13.27
C ALA A 192 -7.51 -2.66 11.99
N GLY A 193 -7.04 -3.59 11.16
CA GLY A 193 -7.73 -3.85 9.92
C GLY A 193 -6.98 -4.81 9.02
N PHE A 194 -7.49 -5.00 7.82
CA PHE A 194 -6.89 -5.95 6.89
C PHE A 194 -6.92 -5.56 5.43
N ARG A 195 -5.91 -6.04 4.72
CA ARG A 195 -5.86 -5.92 3.27
C ARG A 195 -6.37 -7.31 2.93
N LEU A 196 -7.46 -7.41 2.19
CA LEU A 196 -7.95 -8.73 1.82
C LEU A 196 -7.36 -9.08 0.47
N ASP A 197 -6.34 -9.94 0.51
CA ASP A 197 -5.64 -10.38 -0.68
C ASP A 197 -6.56 -11.13 -1.64
N ALA A 198 -6.33 -10.92 -2.94
CA ALA A 198 -7.10 -11.60 -3.97
C ALA A 198 -8.61 -11.52 -3.79
N SER A 199 -9.12 -10.35 -3.44
CA SER A 199 -10.55 -10.19 -3.22
C SER A 199 -11.37 -10.42 -4.49
N LYS A 200 -10.82 -10.13 -5.66
CA LYS A 200 -11.54 -10.34 -6.90
C LYS A 200 -11.87 -11.82 -7.05
N HIS A 201 -11.06 -12.66 -6.40
CA HIS A 201 -11.24 -14.10 -6.49
C HIS A 201 -12.18 -14.68 -5.46
N MET A 202 -12.83 -13.81 -4.71
CA MET A 202 -13.79 -14.24 -3.71
C MET A 202 -15.12 -13.55 -4.01
N TRP A 203 -16.21 -14.27 -3.83
CA TRP A 203 -17.53 -13.68 -4.07
C TRP A 203 -17.76 -12.59 -3.03
N PRO A 204 -18.31 -11.44 -3.45
CA PRO A 204 -18.57 -10.37 -2.50
C PRO A 204 -19.33 -10.87 -1.28
N GLY A 205 -20.29 -11.76 -1.54
CA GLY A 205 -21.12 -12.32 -0.47
C GLY A 205 -20.38 -13.20 0.50
N ASP A 206 -19.37 -13.92 0.03
CA ASP A 206 -18.61 -14.79 0.92
C ASP A 206 -17.74 -13.92 1.81
N ILE A 207 -17.17 -12.85 1.24
CA ILE A 207 -16.35 -11.94 2.02
C ILE A 207 -17.24 -11.35 3.12
N LYS A 208 -18.44 -10.91 2.74
CA LYS A 208 -19.36 -10.33 3.71
C LYS A 208 -19.67 -11.30 4.85
N ALA A 209 -19.87 -12.57 4.50
CA ALA A 209 -20.18 -13.58 5.52
C ALA A 209 -19.04 -13.74 6.50
N ILE A 210 -17.81 -13.63 6.01
CA ILE A 210 -16.64 -13.75 6.87
C ILE A 210 -16.53 -12.51 7.75
N LEU A 211 -16.71 -11.33 7.15
CA LEU A 211 -16.63 -10.09 7.90
C LEU A 211 -17.69 -10.04 9.00
N ASP A 212 -18.83 -10.69 8.77
CA ASP A 212 -19.90 -10.70 9.76
C ASP A 212 -19.52 -11.49 11.01
N LYS A 213 -18.47 -12.29 10.90
CA LYS A 213 -18.02 -13.10 12.03
C LYS A 213 -16.91 -12.40 12.81
N LEU A 214 -16.45 -11.27 12.33
CA LEU A 214 -15.35 -10.55 12.99
C LEU A 214 -15.73 -9.70 14.18
N HIS A 215 -14.80 -9.64 15.14
CA HIS A 215 -14.96 -8.85 16.36
C HIS A 215 -14.74 -7.38 16.08
N ASN A 216 -15.10 -6.57 17.07
CA ASN A 216 -14.85 -5.14 17.01
C ASN A 216 -13.40 -5.08 17.51
N LEU A 217 -12.71 -3.97 17.26
CA LEU A 217 -11.32 -3.86 17.67
C LEU A 217 -11.10 -3.96 19.18
N ASN A 218 -9.89 -4.37 19.57
CA ASN A 218 -9.56 -4.55 20.99
C ASN A 218 -9.86 -3.29 21.79
N SER A 219 -10.79 -3.41 22.73
CA SER A 219 -11.23 -2.29 23.56
C SER A 219 -10.21 -1.68 24.51
N ASN A 220 -9.01 -2.24 24.56
CA ASN A 220 -7.96 -1.68 25.41
C ASN A 220 -7.29 -0.53 24.69
N TRP A 221 -7.37 -0.53 23.36
CA TRP A 221 -6.77 0.53 22.53
C TRP A 221 -7.77 1.31 21.69
N PHE A 222 -8.90 0.69 21.35
CA PHE A 222 -9.88 1.34 20.49
C PHE A 222 -11.24 1.58 21.15
N PRO A 223 -11.95 2.61 20.70
CA PRO A 223 -13.26 2.94 21.26
C PRO A 223 -14.20 1.77 21.04
N ALA A 224 -15.18 1.60 21.93
CA ALA A 224 -16.13 0.51 21.80
C ALA A 224 -16.85 0.60 20.46
N GLY A 225 -17.06 -0.55 19.82
CA GLY A 225 -17.76 -0.58 18.55
C GLY A 225 -16.94 -0.26 17.32
N SER A 226 -15.62 -0.22 17.48
CA SER A 226 -14.73 0.05 16.35
C SER A 226 -14.68 -1.17 15.44
N LYS A 227 -14.95 -0.96 14.15
CA LYS A 227 -14.95 -2.04 13.18
C LYS A 227 -13.60 -2.08 12.48
N PRO A 228 -13.08 -3.28 12.19
CA PRO A 228 -11.78 -3.35 11.52
C PRO A 228 -11.84 -2.70 10.14
N PHE A 229 -10.78 -1.98 9.78
CA PHE A 229 -10.66 -1.32 8.49
C PHE A 229 -10.47 -2.44 7.47
N ILE A 230 -11.23 -2.38 6.38
CA ILE A 230 -11.13 -3.41 5.35
C ILE A 230 -10.86 -2.81 3.98
N TYR A 231 -9.75 -3.19 3.35
CA TYR A 231 -9.50 -2.75 1.99
C TYR A 231 -9.23 -4.00 1.18
N GLN A 232 -10.07 -4.20 0.17
CA GLN A 232 -10.02 -5.38 -0.68
C GLN A 232 -9.18 -5.18 -1.92
N GLU A 233 -8.28 -6.13 -2.19
CA GLU A 233 -7.45 -6.02 -3.39
C GLU A 233 -8.25 -6.54 -4.58
N VAL A 234 -8.72 -5.61 -5.40
CA VAL A 234 -9.46 -5.93 -6.61
C VAL A 234 -8.85 -5.09 -7.71
N ILE A 235 -8.27 -5.76 -8.71
CA ILE A 235 -7.66 -5.07 -9.83
C ILE A 235 -8.72 -4.88 -10.91
N ASP A 236 -9.27 -3.67 -10.99
CA ASP A 236 -10.30 -3.35 -11.97
C ASP A 236 -9.84 -2.17 -12.79
N LEU A 237 -9.34 -2.45 -13.99
CA LEU A 237 -8.87 -1.41 -14.89
C LEU A 237 -9.83 -1.29 -16.06
N GLY A 238 -11.01 -1.88 -15.89
CA GLY A 238 -12.01 -1.86 -16.94
C GLY A 238 -11.80 -3.06 -17.84
N GLY A 239 -12.73 -3.27 -18.78
CA GLY A 239 -12.59 -4.39 -19.71
C GLY A 239 -12.95 -5.77 -19.20
N GLU A 240 -13.31 -5.88 -17.92
CA GLU A 240 -13.69 -7.17 -17.35
C GLU A 240 -15.07 -7.06 -16.71
N PRO A 241 -15.78 -8.21 -16.56
CA PRO A 241 -17.10 -8.20 -15.96
C PRO A 241 -17.12 -7.80 -14.47
N ILE A 242 -16.11 -8.21 -13.72
CA ILE A 242 -16.05 -7.89 -12.31
C ILE A 242 -15.62 -6.45 -12.09
N LYS A 243 -16.41 -5.72 -11.31
CA LYS A 243 -16.13 -4.31 -11.02
C LYS A 243 -15.83 -4.09 -9.54
N SER A 244 -14.98 -3.11 -9.25
CA SER A 244 -14.63 -2.80 -7.88
C SER A 244 -15.86 -2.48 -7.06
N SER A 245 -16.83 -1.82 -7.67
CA SER A 245 -18.06 -1.44 -6.98
C SER A 245 -18.82 -2.63 -6.38
N ASP A 246 -18.63 -3.82 -6.94
CA ASP A 246 -19.33 -5.00 -6.42
C ASP A 246 -18.90 -5.29 -4.98
N TYR A 247 -17.78 -4.71 -4.57
CA TYR A 247 -17.26 -4.95 -3.23
C TYR A 247 -17.44 -3.82 -2.22
N PHE A 248 -18.13 -2.74 -2.62
CA PHE A 248 -18.32 -1.59 -1.73
C PHE A 248 -19.05 -1.90 -0.43
N GLY A 249 -19.88 -2.93 -0.41
CA GLY A 249 -20.60 -3.26 0.80
C GLY A 249 -19.74 -3.89 1.87
N ASN A 250 -18.52 -4.27 1.52
CA ASN A 250 -17.60 -4.91 2.46
C ASN A 250 -16.56 -3.99 3.05
N GLY A 251 -16.21 -2.94 2.31
CA GLY A 251 -15.21 -2.01 2.78
C GLY A 251 -14.60 -1.27 1.62
N ARG A 252 -13.41 -0.71 1.80
CA ARG A 252 -12.75 0.00 0.72
C ARG A 252 -12.17 -1.00 -0.28
N VAL A 253 -11.75 -0.48 -1.42
CA VAL A 253 -11.17 -1.30 -2.48
C VAL A 253 -9.95 -0.58 -3.06
N THR A 254 -8.93 -1.36 -3.41
CA THR A 254 -7.73 -0.82 -4.01
C THR A 254 -8.12 -0.23 -5.37
N GLU A 255 -7.71 1.01 -5.63
CA GLU A 255 -8.00 1.64 -6.90
C GLU A 255 -6.74 1.59 -7.76
N PHE A 256 -6.59 0.51 -8.52
CA PHE A 256 -5.42 0.34 -9.37
C PHE A 256 -5.37 1.28 -10.57
N LYS A 257 -6.49 1.93 -10.89
CA LYS A 257 -6.49 2.86 -12.01
C LYS A 257 -5.67 4.09 -11.63
N TYR A 258 -5.61 4.36 -10.33
CA TYR A 258 -4.90 5.51 -9.79
C TYR A 258 -3.42 5.58 -10.18
N GLY A 259 -2.64 4.60 -9.74
CA GLY A 259 -1.22 4.59 -10.05
C GLY A 259 -0.96 4.38 -11.53
N ALA A 260 -1.82 3.62 -12.19
CA ALA A 260 -1.67 3.37 -13.60
C ALA A 260 -1.74 4.68 -14.38
N LYS A 261 -2.78 5.46 -14.14
CA LYS A 261 -2.93 6.73 -14.84
C LYS A 261 -1.94 7.79 -14.39
N LEU A 262 -1.65 7.84 -13.08
CA LEU A 262 -0.71 8.83 -12.60
C LEU A 262 0.66 8.58 -13.24
N GLY A 263 1.00 7.31 -13.41
CA GLY A 263 2.26 6.95 -14.04
C GLY A 263 2.32 7.41 -15.49
N THR A 264 1.24 7.19 -16.23
CA THR A 264 1.22 7.60 -17.64
C THR A 264 1.28 9.12 -17.75
N VAL A 265 0.61 9.82 -16.84
CA VAL A 265 0.60 11.28 -16.88
C VAL A 265 1.98 11.86 -16.57
N ILE A 266 2.58 11.41 -15.48
CA ILE A 266 3.90 11.89 -15.07
C ILE A 266 4.98 11.54 -16.10
N ARG A 267 4.85 10.39 -16.75
CA ARG A 267 5.83 9.99 -17.77
C ARG A 267 5.51 10.66 -19.10
N LYS A 268 4.38 11.37 -19.13
CA LYS A 268 3.92 12.08 -20.33
C LYS A 268 3.72 11.15 -21.53
N TRP A 269 3.17 9.97 -21.25
CA TRP A 269 2.89 8.98 -22.27
C TRP A 269 1.59 9.28 -23.00
N ASN A 270 1.55 8.92 -24.28
CA ASN A 270 0.38 9.10 -25.12
C ASN A 270 -0.23 10.50 -25.06
N GLY A 271 0.63 11.51 -25.05
CA GLY A 271 0.17 12.89 -25.00
C GLY A 271 -0.43 13.38 -23.71
N GLU A 272 -0.39 12.56 -22.66
CA GLU A 272 -0.94 12.96 -21.38
C GLU A 272 -0.02 13.98 -20.71
N LYS A 273 -0.60 14.84 -19.87
CA LYS A 273 0.18 15.86 -19.18
C LYS A 273 -0.48 16.25 -17.87
N MET A 274 0.30 16.84 -16.96
CA MET A 274 -0.22 17.21 -15.65
C MET A 274 -1.38 18.19 -15.64
N SER A 275 -1.51 19.03 -16.67
CA SER A 275 -2.61 19.97 -16.71
C SER A 275 -3.96 19.24 -16.73
N TYR A 276 -3.95 17.99 -17.18
CA TYR A 276 -5.16 17.20 -17.25
C TYR A 276 -5.62 16.73 -15.87
N LEU A 277 -4.75 16.86 -14.88
CA LEU A 277 -5.05 16.43 -13.52
C LEU A 277 -6.01 17.33 -12.74
N LYS A 278 -6.46 18.42 -13.35
CA LYS A 278 -7.37 19.32 -12.63
C LYS A 278 -8.60 18.60 -12.09
N ASN A 279 -9.14 17.66 -12.85
CA ASN A 279 -10.32 16.92 -12.41
C ASN A 279 -9.99 15.50 -11.95
N TRP A 280 -8.78 15.34 -11.43
CA TRP A 280 -8.30 14.06 -10.90
C TRP A 280 -9.33 13.52 -9.91
N GLY A 281 -9.60 12.21 -9.99
CA GLY A 281 -10.58 11.61 -9.11
C GLY A 281 -11.65 10.89 -9.92
N GLU A 282 -12.91 10.98 -9.50
CA GLU A 282 -13.97 10.31 -10.23
C GLU A 282 -14.05 10.76 -11.68
N GLY A 283 -13.60 11.99 -11.94
CA GLY A 283 -13.62 12.52 -13.29
C GLY A 283 -12.76 11.69 -14.24
N TRP A 284 -11.83 10.92 -13.68
CA TRP A 284 -10.95 10.08 -14.48
C TRP A 284 -11.48 8.65 -14.54
N GLY A 285 -12.70 8.45 -14.06
CA GLY A 285 -13.29 7.13 -14.06
C GLY A 285 -12.99 6.32 -12.82
N PHE A 286 -12.44 6.97 -11.80
CA PHE A 286 -12.10 6.27 -10.56
C PHE A 286 -13.33 6.05 -9.69
N MET A 287 -13.21 5.16 -8.72
CA MET A 287 -14.30 4.85 -7.80
C MET A 287 -14.48 6.02 -6.83
N PRO A 288 -15.55 5.99 -6.01
CA PRO A 288 -15.76 7.08 -5.05
C PRO A 288 -14.55 7.22 -4.15
N SER A 289 -14.17 8.45 -3.84
CA SER A 289 -13.03 8.72 -2.98
C SER A 289 -13.14 8.01 -1.63
N ASP A 290 -14.35 7.96 -1.06
CA ASP A 290 -14.54 7.34 0.24
C ASP A 290 -14.47 5.81 0.25
N ARG A 291 -14.20 5.21 -0.90
CA ARG A 291 -14.07 3.76 -0.97
C ARG A 291 -12.70 3.38 -1.50
N ALA A 292 -11.94 4.37 -1.93
CA ALA A 292 -10.63 4.10 -2.51
C ALA A 292 -9.43 4.03 -1.58
N LEU A 293 -8.58 3.04 -1.83
CA LEU A 293 -7.32 2.88 -1.13
C LEU A 293 -6.39 3.15 -2.31
N VAL A 294 -5.68 4.27 -2.26
CA VAL A 294 -4.81 4.64 -3.38
C VAL A 294 -3.33 4.49 -3.07
N PHE A 295 -2.56 4.42 -4.14
CA PHE A 295 -1.11 4.23 -4.05
C PHE A 295 -0.52 4.43 -5.44
N VAL A 296 0.76 4.78 -5.49
CA VAL A 296 1.45 4.98 -6.77
C VAL A 296 1.85 3.60 -7.30
N ASP A 297 2.46 2.80 -6.44
CA ASP A 297 2.86 1.44 -6.79
C ASP A 297 2.59 0.54 -5.59
N ASN A 298 2.52 -0.77 -5.82
CA ASN A 298 2.33 -1.71 -4.73
C ASN A 298 3.38 -2.80 -4.89
N HIS A 299 3.42 -3.76 -3.96
CA HIS A 299 4.46 -4.78 -4.03
C HIS A 299 4.43 -5.63 -5.30
N ASP A 300 3.26 -5.75 -5.92
CA ASP A 300 3.14 -6.52 -7.16
C ASP A 300 3.62 -5.73 -8.37
N ASN A 301 2.95 -4.62 -8.68
CA ASN A 301 3.30 -3.89 -9.88
C ASN A 301 4.62 -3.13 -9.89
N GLN A 302 5.29 -3.00 -8.75
CA GLN A 302 6.57 -2.30 -8.76
C GLN A 302 7.61 -3.25 -9.38
N ARG A 303 7.24 -4.52 -9.52
CA ARG A 303 8.12 -5.53 -10.09
C ARG A 303 7.48 -6.29 -11.25
N GLY A 304 6.49 -5.70 -11.88
CA GLY A 304 5.86 -6.34 -13.03
C GLY A 304 4.81 -7.40 -12.76
N HIS A 305 4.48 -7.63 -11.51
CA HIS A 305 3.45 -8.62 -11.17
C HIS A 305 2.09 -7.92 -11.14
N GLY A 306 1.01 -8.71 -11.15
CA GLY A 306 -0.32 -8.13 -11.11
C GLY A 306 -0.67 -7.26 -12.31
N ALA A 307 -1.05 -6.02 -12.05
CA ALA A 307 -1.41 -5.08 -13.11
C ALA A 307 -1.09 -3.62 -12.79
N GLY A 308 -1.05 -2.79 -13.84
CA GLY A 308 -0.72 -1.39 -13.69
C GLY A 308 0.08 -0.99 -14.92
N GLY A 309 0.83 -1.97 -15.44
CA GLY A 309 1.62 -1.76 -16.63
C GLY A 309 3.01 -1.20 -16.50
N ALA A 310 3.59 -0.89 -17.64
CA ALA A 310 4.93 -0.34 -17.73
C ALA A 310 4.96 1.10 -17.23
N SER A 311 3.79 1.71 -17.08
CA SER A 311 3.71 3.10 -16.63
C SER A 311 3.96 3.29 -15.14
N ILE A 312 3.79 2.23 -14.36
CA ILE A 312 3.98 2.32 -12.92
C ILE A 312 5.32 2.93 -12.50
N LEU A 313 5.26 3.93 -11.64
CA LEU A 313 6.46 4.60 -11.14
C LEU A 313 6.85 3.93 -9.82
N THR A 314 8.15 3.77 -9.63
CA THR A 314 8.69 3.13 -8.43
C THR A 314 9.93 3.87 -7.97
N PHE A 315 10.51 3.41 -6.86
CA PHE A 315 11.72 4.04 -6.33
C PHE A 315 12.87 4.03 -7.34
N TRP A 316 12.80 3.12 -8.32
CA TRP A 316 13.84 3.06 -9.34
C TRP A 316 13.81 4.33 -10.17
N ASP A 317 12.64 4.95 -10.25
CA ASP A 317 12.44 6.20 -10.99
C ASP A 317 12.31 7.31 -9.95
N ALA A 318 13.24 7.33 -9.00
CA ALA A 318 13.24 8.26 -7.88
C ALA A 318 12.69 9.67 -8.09
N ARG A 319 13.26 10.42 -9.02
CA ARG A 319 12.81 11.80 -9.25
C ARG A 319 11.33 11.91 -9.60
N LEU A 320 10.89 11.16 -10.60
CA LEU A 320 9.48 11.20 -11.00
C LEU A 320 8.59 10.56 -9.93
N TYR A 321 9.12 9.54 -9.24
CA TYR A 321 8.37 8.85 -8.20
C TYR A 321 8.01 9.79 -7.06
N LYS A 322 8.98 10.59 -6.62
CA LYS A 322 8.72 11.53 -5.54
C LYS A 322 7.64 12.53 -5.92
N MET A 323 7.63 12.94 -7.18
CA MET A 323 6.62 13.88 -7.64
C MET A 323 5.25 13.23 -7.68
N ALA A 324 5.19 11.98 -8.11
CA ALA A 324 3.92 11.26 -8.18
C ALA A 324 3.39 11.06 -6.77
N VAL A 325 4.25 10.62 -5.86
CA VAL A 325 3.84 10.41 -4.47
C VAL A 325 3.41 11.74 -3.87
N GLY A 326 4.13 12.81 -4.20
CA GLY A 326 3.80 14.12 -3.69
C GLY A 326 2.43 14.58 -4.15
N PHE A 327 2.12 14.37 -5.43
CA PHE A 327 0.83 14.76 -5.95
C PHE A 327 -0.26 13.96 -5.23
N MET A 328 -0.04 12.65 -5.10
CA MET A 328 -1.01 11.80 -4.42
C MET A 328 -1.28 12.24 -2.99
N LEU A 329 -0.21 12.49 -2.24
CA LEU A 329 -0.35 12.90 -0.85
C LEU A 329 -0.96 14.28 -0.66
N ALA A 330 -0.85 15.14 -1.67
CA ALA A 330 -1.41 16.48 -1.57
C ALA A 330 -2.87 16.50 -2.01
N HIS A 331 -3.25 15.61 -2.92
CA HIS A 331 -4.62 15.57 -3.43
C HIS A 331 -5.58 14.87 -2.47
N PRO A 332 -6.77 15.45 -2.25
CA PRO A 332 -7.74 14.85 -1.33
C PRO A 332 -8.33 13.49 -1.68
N TYR A 333 -8.22 13.06 -2.93
CA TYR A 333 -8.80 11.78 -3.32
C TYR A 333 -8.23 10.53 -2.64
N GLY A 334 -9.13 9.72 -2.09
CA GLY A 334 -8.78 8.45 -1.46
C GLY A 334 -7.98 8.43 -0.17
N PHE A 335 -7.77 7.22 0.35
CA PHE A 335 -6.97 7.03 1.56
C PHE A 335 -5.64 6.51 1.02
N THR A 336 -4.58 7.22 1.37
CA THR A 336 -3.25 6.92 0.86
C THR A 336 -2.35 5.89 1.53
N ARG A 337 -1.75 5.04 0.70
CA ARG A 337 -0.81 4.03 1.17
C ARG A 337 0.53 4.31 0.49
N VAL A 338 1.56 4.45 1.32
CA VAL A 338 2.91 4.70 0.84
C VAL A 338 3.65 3.37 0.80
N MET A 339 4.39 3.13 -0.27
CA MET A 339 5.14 1.90 -0.42
C MET A 339 6.54 2.04 0.17
N SER A 340 7.03 0.99 0.80
CA SER A 340 8.39 0.98 1.36
C SER A 340 8.95 -0.35 0.86
N SER A 341 10.01 -0.27 0.07
CA SER A 341 10.55 -1.45 -0.56
C SER A 341 11.98 -1.83 -0.22
N TYR A 342 12.42 -2.91 -0.85
CA TYR A 342 13.79 -3.36 -0.72
C TYR A 342 14.33 -3.40 -2.12
N ARG A 343 15.64 -3.22 -2.24
CA ARG A 343 16.32 -3.21 -3.52
C ARG A 343 16.65 -4.65 -3.88
N TRP A 344 16.52 -5.00 -5.15
CA TRP A 344 16.84 -6.35 -5.61
C TRP A 344 17.59 -6.18 -6.93
N PRO A 345 18.37 -7.19 -7.33
CA PRO A 345 19.11 -7.07 -8.59
C PRO A 345 18.21 -7.19 -9.81
N ARG A 346 17.47 -6.12 -10.10
CA ARG A 346 16.58 -6.09 -11.25
C ARG A 346 17.41 -6.33 -12.51
N GLN A 347 16.96 -7.27 -13.35
CA GLN A 347 17.69 -7.61 -14.57
C GLN A 347 16.75 -7.78 -15.76
N PHE A 348 16.70 -6.76 -16.62
CA PHE A 348 15.83 -6.79 -17.78
C PHE A 348 16.38 -7.55 -18.98
N GLN A 349 15.57 -8.47 -19.49
CA GLN A 349 15.91 -9.28 -20.64
C GLN A 349 14.69 -9.21 -21.54
N ASN A 350 14.86 -8.65 -22.73
CA ASN A 350 13.76 -8.49 -23.67
C ASN A 350 12.58 -7.75 -23.05
N GLY A 351 12.88 -6.73 -22.24
CA GLY A 351 11.83 -5.95 -21.63
C GLY A 351 11.22 -6.43 -20.33
N ASN A 352 11.68 -7.57 -19.82
CA ASN A 352 11.13 -8.10 -18.58
C ASN A 352 12.22 -8.43 -17.55
N ASP A 353 11.92 -8.18 -16.29
CA ASP A 353 12.85 -8.42 -15.19
C ASP A 353 12.85 -9.89 -14.76
N VAL A 354 13.92 -10.61 -15.10
CA VAL A 354 14.02 -12.02 -14.76
C VAL A 354 14.18 -12.27 -13.26
N ASN A 355 14.51 -11.22 -12.51
CA ASN A 355 14.68 -11.36 -11.07
C ASN A 355 13.51 -10.78 -10.30
N ASP A 356 12.34 -10.76 -10.92
CA ASP A 356 11.15 -10.23 -10.27
C ASP A 356 10.65 -11.10 -9.12
N TRP A 357 11.32 -12.23 -8.90
CA TRP A 357 10.95 -13.16 -7.84
C TRP A 357 11.79 -12.99 -6.59
N VAL A 358 12.94 -12.36 -6.73
CA VAL A 358 13.86 -12.19 -5.59
C VAL A 358 13.19 -11.67 -4.33
N GLY A 359 13.44 -12.38 -3.23
CA GLY A 359 12.86 -12.02 -1.95
C GLY A 359 13.64 -10.92 -1.26
N PRO A 360 13.25 -10.57 -0.02
CA PRO A 360 13.90 -9.51 0.76
C PRO A 360 15.36 -9.80 1.07
N PRO A 361 16.13 -8.73 1.39
CA PRO A 361 17.55 -8.85 1.73
C PRO A 361 17.70 -9.95 2.76
N ASN A 362 18.63 -10.87 2.55
CA ASN A 362 18.78 -11.97 3.47
C ASN A 362 20.17 -12.58 3.50
N ASN A 363 20.42 -13.32 4.58
CA ASN A 363 21.68 -14.04 4.78
C ASN A 363 21.24 -15.49 4.92
N ASN A 364 21.50 -16.28 3.88
CA ASN A 364 21.12 -17.69 3.87
C ASN A 364 19.65 -17.89 4.20
N GLY A 365 18.79 -17.03 3.65
CA GLY A 365 17.37 -17.15 3.89
C GLY A 365 16.81 -16.38 5.08
N VAL A 366 17.68 -15.88 5.94
CA VAL A 366 17.24 -15.12 7.10
C VAL A 366 17.17 -13.64 6.71
N ILE A 367 15.98 -13.06 6.80
CA ILE A 367 15.79 -11.66 6.45
C ILE A 367 16.67 -10.73 7.28
N LYS A 368 17.37 -9.83 6.58
CA LYS A 368 18.27 -8.89 7.25
C LYS A 368 17.49 -7.83 8.01
N GLU A 369 18.08 -7.36 9.11
CA GLU A 369 17.45 -6.32 9.91
C GLU A 369 17.51 -5.02 9.13
N VAL A 370 16.65 -4.08 9.47
CA VAL A 370 16.66 -2.78 8.82
C VAL A 370 17.59 -1.89 9.64
N THR A 371 18.71 -1.51 9.06
CA THR A 371 19.66 -0.65 9.76
C THR A 371 19.35 0.80 9.43
N ILE A 372 19.49 1.67 10.42
CA ILE A 372 19.24 3.08 10.23
C ILE A 372 20.55 3.85 10.23
N ASN A 373 20.82 4.55 9.13
CA ASN A 373 22.05 5.33 9.01
C ASN A 373 21.90 6.67 9.71
N PRO A 374 23.03 7.31 10.04
CA PRO A 374 22.98 8.61 10.72
C PRO A 374 22.14 9.66 9.98
N ASP A 375 22.11 9.59 8.65
CA ASP A 375 21.34 10.55 7.87
C ASP A 375 19.86 10.19 7.76
N THR A 376 19.46 9.20 8.54
CA THR A 376 18.08 8.69 8.62
C THR A 376 17.62 7.78 7.48
N THR A 377 18.53 7.44 6.57
CA THR A 377 18.18 6.53 5.49
C THR A 377 18.43 5.12 6.01
N CYS A 378 18.11 4.11 5.20
CA CYS A 378 18.30 2.73 5.63
C CYS A 378 19.42 2.00 4.91
N GLY A 379 19.97 1.00 5.57
CA GLY A 379 21.02 0.18 5.00
C GLY A 379 20.48 -1.21 4.72
N ASN A 380 21.38 -2.16 4.46
CA ASN A 380 21.02 -3.54 4.17
C ASN A 380 20.06 -3.70 2.99
N ASP A 381 20.16 -2.77 2.04
CA ASP A 381 19.34 -2.79 0.83
C ASP A 381 17.86 -2.48 1.00
N TRP A 382 17.46 -1.97 2.16
CA TRP A 382 16.08 -1.57 2.34
C TRP A 382 16.02 -0.15 1.80
N VAL A 383 15.07 0.12 0.92
CA VAL A 383 14.94 1.43 0.30
C VAL A 383 14.39 2.50 1.25
N CYS A 384 13.40 2.13 2.05
CA CYS A 384 12.79 3.06 2.99
C CYS A 384 12.31 4.37 2.37
N GLU A 385 11.48 4.27 1.34
CA GLU A 385 10.95 5.46 0.69
C GLU A 385 10.22 6.35 1.70
N HIS A 386 9.63 5.72 2.71
CA HIS A 386 8.89 6.48 3.72
C HIS A 386 9.79 7.38 4.56
N ARG A 387 11.11 7.20 4.43
CA ARG A 387 12.08 8.00 5.16
C ARG A 387 12.70 9.08 4.26
N TRP A 388 12.40 9.04 2.97
CA TRP A 388 12.91 10.07 2.06
C TRP A 388 12.26 11.37 2.52
N ARG A 389 13.05 12.43 2.67
CA ARG A 389 12.53 13.71 3.13
C ARG A 389 11.29 14.16 2.37
N GLN A 390 11.37 14.08 1.04
CA GLN A 390 10.29 14.50 0.16
C GLN A 390 8.99 13.74 0.37
N ILE A 391 9.09 12.49 0.77
CA ILE A 391 7.90 11.67 1.00
C ILE A 391 7.41 11.83 2.43
N ARG A 392 8.33 11.73 3.39
CA ARG A 392 7.98 11.88 4.79
C ARG A 392 7.32 13.24 5.02
N ASN A 393 7.85 14.28 4.40
CA ASN A 393 7.27 15.60 4.57
C ASN A 393 5.92 15.76 3.89
N MET A 394 5.65 14.96 2.86
CA MET A 394 4.35 15.05 2.20
C MET A 394 3.33 14.24 3.00
N VAL A 395 3.80 13.26 3.76
CA VAL A 395 2.91 12.48 4.61
C VAL A 395 2.40 13.45 5.68
N ILE A 396 3.29 14.30 6.19
CA ILE A 396 2.88 15.28 7.19
C ILE A 396 2.00 16.36 6.53
N PHE A 397 2.31 16.71 5.28
CA PHE A 397 1.52 17.69 4.54
C PHE A 397 0.06 17.22 4.52
N ARG A 398 -0.15 15.95 4.19
CA ARG A 398 -1.51 15.42 4.12
C ARG A 398 -2.22 15.51 5.48
N ASN A 399 -1.48 15.28 6.55
CA ASN A 399 -2.05 15.38 7.90
C ASN A 399 -2.46 16.82 8.17
N VAL A 400 -1.56 17.75 7.89
CA VAL A 400 -1.79 19.16 8.14
C VAL A 400 -2.99 19.73 7.39
N VAL A 401 -3.20 19.30 6.15
CA VAL A 401 -4.30 19.82 5.34
C VAL A 401 -5.56 18.96 5.36
N ASP A 402 -5.57 17.94 6.22
CA ASP A 402 -6.71 17.04 6.32
C ASP A 402 -8.05 17.77 6.39
N GLY A 403 -8.96 17.39 5.50
CA GLY A 403 -10.27 17.99 5.47
C GLY A 403 -10.43 19.24 4.62
N GLN A 404 -9.31 19.86 4.25
CA GLN A 404 -9.35 21.08 3.45
C GLN A 404 -9.71 20.79 1.99
N PRO A 405 -10.46 21.70 1.36
CA PRO A 405 -10.87 21.51 -0.04
C PRO A 405 -9.78 21.72 -1.07
N PHE A 406 -9.94 21.07 -2.21
CA PHE A 406 -9.03 21.20 -3.34
C PHE A 406 -9.41 22.55 -3.94
N THR A 407 -8.45 23.47 -4.01
CA THR A 407 -8.75 24.80 -4.53
C THR A 407 -7.53 25.49 -5.14
N ASN A 408 -7.75 26.68 -5.69
CA ASN A 408 -6.70 27.48 -6.31
C ASN A 408 -5.84 26.73 -7.31
N TRP A 409 -6.47 25.95 -8.17
CA TRP A 409 -5.76 25.21 -9.19
C TRP A 409 -5.22 26.13 -10.28
N TYR A 410 -4.02 25.83 -10.74
CA TYR A 410 -3.38 26.57 -11.81
C TYR A 410 -2.64 25.60 -12.71
N ASP A 411 -2.61 25.87 -14.00
CA ASP A 411 -1.86 25.05 -14.93
C ASP A 411 -1.51 25.92 -16.14
N ASN A 412 -0.41 25.57 -16.80
CA ASN A 412 0.06 26.31 -17.96
C ASN A 412 -0.35 25.63 -19.26
N GLY A 413 -1.32 24.73 -19.17
CA GLY A 413 -1.77 24.02 -20.36
C GLY A 413 -0.81 22.93 -20.78
N SER A 414 0.23 22.71 -19.98
CA SER A 414 1.21 21.68 -20.28
C SER A 414 1.49 20.84 -19.04
N ASN A 415 2.67 21.00 -18.43
CA ASN A 415 3.00 20.23 -17.23
C ASN A 415 3.41 21.04 -16.01
N GLN A 416 3.01 22.32 -15.96
CA GLN A 416 3.33 23.15 -14.81
C GLN A 416 1.98 23.43 -14.16
N VAL A 417 1.76 22.81 -13.00
CA VAL A 417 0.51 22.96 -12.30
C VAL A 417 0.71 23.23 -10.82
N ALA A 418 -0.35 23.66 -10.16
CA ALA A 418 -0.29 23.95 -8.74
C ALA A 418 -1.70 23.97 -8.18
N PHE A 419 -1.82 23.73 -6.89
CA PHE A 419 -3.12 23.77 -6.25
C PHE A 419 -2.94 23.83 -4.75
N GLY A 420 -3.99 24.27 -4.08
CA GLY A 420 -3.94 24.37 -2.64
C GLY A 420 -4.97 23.49 -1.97
N ARG A 421 -4.86 23.39 -0.66
CA ARG A 421 -5.79 22.63 0.15
C ARG A 421 -6.28 23.65 1.17
N GLY A 422 -7.41 24.27 0.85
CA GLY A 422 -7.97 25.28 1.73
C GLY A 422 -6.94 26.37 1.97
N ASN A 423 -6.82 26.79 3.23
CA ASN A 423 -5.86 27.81 3.59
C ASN A 423 -4.75 27.18 4.41
N ARG A 424 -4.55 25.87 4.24
CA ARG A 424 -3.55 25.12 5.00
C ARG A 424 -2.34 24.60 4.23
N GLY A 425 -2.44 24.51 2.91
CA GLY A 425 -1.31 24.02 2.14
C GLY A 425 -1.39 24.39 0.68
N PHE A 426 -0.24 24.39 0.02
CA PHE A 426 -0.16 24.72 -1.39
C PHE A 426 1.02 23.95 -1.98
N ILE A 427 0.84 23.44 -3.19
CA ILE A 427 1.89 22.66 -3.82
C ILE A 427 2.02 23.06 -5.29
N VAL A 428 3.26 23.08 -5.77
CA VAL A 428 3.57 23.49 -7.14
C VAL A 428 4.46 22.47 -7.85
N PHE A 429 4.07 22.09 -9.07
CA PHE A 429 4.82 21.11 -9.85
C PHE A 429 5.28 21.61 -11.20
N ASN A 430 6.48 21.23 -11.59
CA ASN A 430 6.99 21.59 -12.91
C ASN A 430 7.54 20.34 -13.59
N ASN A 431 6.75 19.76 -14.49
CA ASN A 431 7.22 18.58 -15.20
C ASN A 431 7.39 18.89 -16.68
N ASP A 432 7.64 20.16 -16.99
CA ASP A 432 7.88 20.59 -18.37
C ASP A 432 9.39 20.74 -18.52
N ASP A 433 9.86 20.77 -19.76
CA ASP A 433 11.30 20.91 -19.99
C ASP A 433 11.77 22.36 -20.10
N TRP A 434 11.25 23.19 -19.21
CA TRP A 434 11.65 24.60 -19.13
C TRP A 434 11.26 25.10 -17.74
N SER A 435 11.77 26.27 -17.36
CA SER A 435 11.51 26.82 -16.04
C SER A 435 10.09 27.30 -15.74
N PHE A 436 9.67 27.06 -14.50
CA PHE A 436 8.37 27.46 -13.99
C PHE A 436 8.67 28.60 -13.02
N SER A 437 8.47 29.83 -13.48
CA SER A 437 8.72 31.01 -12.66
C SER A 437 7.48 31.89 -12.76
N LEU A 438 6.68 31.90 -11.69
CA LEU A 438 5.45 32.67 -11.72
C LEU A 438 4.91 32.96 -10.33
N THR A 439 4.13 34.03 -10.23
CA THR A 439 3.50 34.40 -8.96
C THR A 439 2.11 33.77 -8.98
N LEU A 440 1.81 32.99 -7.95
CA LEU A 440 0.53 32.29 -7.86
C LEU A 440 -0.24 32.60 -6.59
N GLN A 441 -1.56 32.49 -6.66
CA GLN A 441 -2.44 32.69 -5.52
C GLN A 441 -2.36 31.39 -4.73
N THR A 442 -1.90 31.47 -3.48
CA THR A 442 -1.74 30.28 -2.64
C THR A 442 -2.89 29.97 -1.69
N GLY A 443 -3.70 30.98 -1.38
CA GLY A 443 -4.81 30.78 -0.46
C GLY A 443 -4.32 30.71 0.99
N LEU A 444 -3.02 30.91 1.18
CA LEU A 444 -2.39 30.86 2.50
C LEU A 444 -2.21 32.22 3.15
N PRO A 445 -2.13 32.25 4.49
CA PRO A 445 -1.95 33.51 5.22
C PRO A 445 -0.57 34.06 4.88
N ALA A 446 -0.43 35.38 4.87
CA ALA A 446 0.84 36.02 4.56
C ALA A 446 1.94 35.56 5.51
N GLY A 447 3.16 35.45 4.99
CA GLY A 447 4.27 35.02 5.83
C GLY A 447 5.36 34.32 5.04
N THR A 448 6.36 33.81 5.76
CA THR A 448 7.47 33.09 5.16
C THR A 448 7.28 31.61 5.43
N TYR A 449 7.28 30.80 4.37
CA TYR A 449 7.09 29.37 4.49
C TYR A 449 8.26 28.55 4.00
N CYS A 450 8.54 27.46 4.70
CA CYS A 450 9.61 26.58 4.31
C CYS A 450 9.09 25.56 3.31
N ASP A 451 9.81 25.39 2.21
CA ASP A 451 9.43 24.39 1.22
C ASP A 451 9.84 23.07 1.87
N VAL A 452 8.89 22.16 2.07
CA VAL A 452 9.19 20.90 2.73
C VAL A 452 9.71 19.81 1.79
N ILE A 453 9.89 20.14 0.52
CA ILE A 453 10.42 19.18 -0.43
C ILE A 453 11.95 19.31 -0.45
N SER A 454 12.43 20.55 -0.58
CA SER A 454 13.88 20.80 -0.61
C SER A 454 14.48 20.92 0.78
N GLY A 455 13.64 21.09 1.79
CA GLY A 455 14.17 21.22 3.15
C GLY A 455 13.18 20.92 4.26
N ASP A 456 13.48 21.48 5.43
CA ASP A 456 12.65 21.30 6.62
C ASP A 456 12.62 22.59 7.42
N LYS A 457 11.66 22.70 8.33
CA LYS A 457 11.58 23.85 9.21
C LYS A 457 12.25 23.33 10.47
N ILE A 458 13.42 23.87 10.79
CA ILE A 458 14.15 23.43 11.97
C ILE A 458 14.66 24.61 12.78
N ASN A 459 14.34 24.59 14.07
CA ASN A 459 14.77 25.64 14.99
C ASN A 459 14.43 27.04 14.48
N GLY A 460 13.19 27.23 14.03
CA GLY A 460 12.76 28.53 13.55
C GLY A 460 13.35 29.00 12.22
N ASN A 461 13.92 28.08 11.45
CA ASN A 461 14.49 28.42 10.15
C ASN A 461 14.23 27.35 9.11
N CYS A 462 14.41 27.70 7.85
CA CYS A 462 14.22 26.78 6.74
C CYS A 462 15.58 26.30 6.28
N THR A 463 15.70 24.99 6.00
CA THR A 463 16.96 24.44 5.54
C THR A 463 17.02 24.41 4.01
N GLY A 464 15.88 24.68 3.38
CA GLY A 464 15.83 24.69 1.93
C GLY A 464 15.23 25.98 1.39
N ILE A 465 14.47 25.85 0.31
CA ILE A 465 13.83 26.99 -0.32
C ILE A 465 12.82 27.65 0.61
N LYS A 466 12.74 28.97 0.55
CA LYS A 466 11.80 29.73 1.36
C LYS A 466 10.83 30.42 0.41
N ILE A 467 9.55 30.40 0.76
CA ILE A 467 8.51 31.02 -0.06
C ILE A 467 7.88 32.16 0.72
N TYR A 468 7.70 33.30 0.07
CA TYR A 468 7.13 34.47 0.71
C TYR A 468 5.73 34.79 0.20
N VAL A 469 4.75 34.61 1.06
CA VAL A 469 3.36 34.88 0.72
C VAL A 469 3.00 36.29 1.18
N SER A 470 2.52 37.13 0.26
CA SER A 470 2.15 38.50 0.60
C SER A 470 0.72 38.61 1.12
N ASP A 471 0.32 39.82 1.48
CA ASP A 471 -1.02 40.06 2.02
C ASP A 471 -2.17 39.63 1.11
N ASP A 472 -1.91 39.51 -0.19
CA ASP A 472 -2.94 39.12 -1.13
C ASP A 472 -2.99 37.60 -1.31
N GLY A 473 -2.15 36.89 -0.59
CA GLY A 473 -2.12 35.44 -0.68
C GLY A 473 -1.24 34.93 -1.82
N LYS A 474 -0.64 35.85 -2.56
CA LYS A 474 0.21 35.47 -3.67
C LYS A 474 1.66 35.27 -3.26
N ALA A 475 2.35 34.38 -3.96
CA ALA A 475 3.75 34.10 -3.68
C ALA A 475 4.42 33.72 -4.99
N HIS A 476 5.70 34.03 -5.10
CA HIS A 476 6.43 33.71 -6.31
C HIS A 476 7.11 32.35 -6.19
N PHE A 477 6.96 31.53 -7.21
CA PHE A 477 7.57 30.22 -7.24
C PHE A 477 8.48 30.11 -8.44
N SER A 478 9.66 29.53 -8.24
CA SER A 478 10.61 29.34 -9.32
C SER A 478 11.18 27.93 -9.23
N ILE A 479 10.86 27.12 -10.23
CA ILE A 479 11.32 25.74 -10.27
C ILE A 479 11.91 25.45 -11.63
N SER A 480 13.22 25.27 -11.68
CA SER A 480 13.88 24.96 -12.93
C SER A 480 13.62 23.49 -13.27
N ASN A 481 13.62 23.16 -14.55
CA ASN A 481 13.40 21.80 -14.96
C ASN A 481 14.61 20.95 -14.58
N SER A 482 15.65 21.62 -14.10
CA SER A 482 16.89 20.95 -13.68
C SER A 482 16.96 20.78 -12.16
N ALA A 483 15.93 21.27 -11.47
CA ALA A 483 15.90 21.18 -10.01
C ALA A 483 15.97 19.72 -9.54
N GLU A 484 16.62 19.51 -8.39
CA GLU A 484 16.75 18.16 -7.83
C GLU A 484 15.36 17.53 -7.76
N ASP A 485 14.42 18.28 -7.19
CA ASP A 485 13.03 17.85 -7.09
C ASP A 485 12.23 19.00 -7.69
N PRO A 486 11.62 18.76 -8.87
CA PRO A 486 10.85 19.80 -9.54
C PRO A 486 9.47 20.16 -8.97
N PHE A 487 9.35 20.14 -7.65
CA PHE A 487 8.09 20.55 -7.03
C PHE A 487 8.36 21.16 -5.66
N ILE A 488 7.48 22.08 -5.27
CA ILE A 488 7.58 22.79 -4.00
C ILE A 488 6.28 22.63 -3.24
N ALA A 489 6.37 22.43 -1.92
CA ALA A 489 5.19 22.28 -1.10
C ALA A 489 5.36 23.04 0.21
N ILE A 490 4.35 23.82 0.56
CA ILE A 490 4.38 24.59 1.79
C ILE A 490 3.04 24.41 2.51
N HIS A 491 3.06 24.47 3.84
CA HIS A 491 1.83 24.32 4.60
C HIS A 491 1.86 25.09 5.91
N ALA A 492 0.70 25.15 6.56
CA ALA A 492 0.55 25.87 7.82
C ALA A 492 1.63 25.61 8.85
N GLU A 493 2.10 24.37 8.93
CA GLU A 493 3.12 24.05 9.92
C GLU A 493 4.56 24.20 9.46
N SER A 494 4.75 24.72 8.25
CA SER A 494 6.10 24.96 7.74
C SER A 494 6.30 26.48 7.70
N LYS A 495 5.33 27.20 8.25
CA LYS A 495 5.38 28.66 8.30
C LYS A 495 6.30 29.11 9.45
N LEU A 496 7.15 30.10 9.19
CA LEU A 496 8.06 30.60 10.20
C LEU A 496 7.36 31.57 11.14
C1 GLC B . 1.86 -13.74 -5.86
C2 GLC B . 2.59 -13.70 -7.21
C3 GLC B . 2.33 -14.97 -8.03
C4 GLC B . 2.59 -16.19 -7.17
C5 GLC B . 1.66 -16.12 -5.97
C6 GLC B . 1.74 -17.35 -5.08
O2 GLC B . 2.16 -12.55 -7.94
O3 GLC B . 3.19 -14.97 -9.16
O4 GLC B . 2.38 -17.39 -7.92
O5 GLC B . 2.02 -14.98 -5.16
O6 GLC B . 3.05 -17.51 -4.57
C1 G6D B . 3.51 -18.26 -7.79
O2 G6D B . 4.46 -17.24 -9.78
C2 G6D B . 4.19 -18.49 -9.14
C3 G6D B . 3.28 -19.29 -10.07
O3 G6D B . 3.92 -19.62 -11.31
C4 G6D B . 2.81 -20.58 -9.39
C5 G6D B . 2.19 -20.21 -8.04
O5 G6D B . 3.11 -19.51 -7.20
C6 G6D B . 1.67 -21.45 -7.29
C1 GLC C . -4.49 -5.44 -18.35
C2 GLC C . -5.85 -5.58 -17.65
C3 GLC C . -5.65 -6.13 -16.23
C4 GLC C . -4.92 -7.46 -16.37
C5 GLC C . -3.56 -7.24 -17.05
C6 GLC C . -2.79 -8.53 -17.21
O1 GLC C . -3.71 -4.53 -17.68
O2 GLC C . -6.49 -4.31 -17.59
O3 GLC C . -6.91 -6.32 -15.62
O4 GLC C . -4.79 -8.10 -15.09
O5 GLC C . -3.79 -6.70 -18.37
O6 GLC C . -1.97 -8.78 -16.07
C1 GLC C . -5.29 -9.38 -15.06
C2 GLC C . -6.42 -9.48 -14.01
C3 GLC C . -5.86 -9.33 -12.61
C4 GLC C . -4.68 -10.28 -12.35
C5 GLC C . -3.60 -10.03 -13.42
C6 GLC C . -2.44 -11.00 -13.28
O2 GLC C . -7.38 -8.45 -14.25
O3 GLC C . -6.89 -9.60 -11.65
O4 GLC C . -4.16 -10.11 -11.03
O5 GLC C . -4.16 -10.27 -14.73
O6 GLC C . -2.84 -12.34 -13.61
C1 G6D C . -4.05 -11.35 -10.33
O2 G6D C . -6.29 -10.91 -9.50
C2 G6D C . -5.01 -11.45 -9.13
C3 G6D C . -4.51 -10.60 -7.97
O3 G6D C . -5.28 -10.81 -6.79
C4 G6D C . -3.05 -10.91 -7.67
C5 G6D C . -2.21 -10.69 -8.94
O5 G6D C . -2.69 -11.61 -9.94
C6 G6D C . -0.72 -10.96 -8.73
C1 GLC D . -18.86 -30.24 8.50
C2 GLC D . -17.98 -29.31 7.65
C3 GLC D . -16.58 -29.92 7.54
C4 GLC D . -16.01 -30.18 8.92
C5 GLC D . -16.97 -31.09 9.70
C6 GLC D . -16.50 -31.37 11.12
O1 GLC D . -19.01 -31.46 7.87
O2 GLC D . -18.54 -29.16 6.36
O3 GLC D . -15.73 -29.02 6.83
O4 GLC D . -14.71 -30.79 8.82
O5 GLC D . -18.27 -30.46 9.79
O6 GLC D . -16.42 -30.17 11.89
C1 GLC D . -13.66 -30.00 9.21
C2 GLC D . -12.52 -30.07 8.18
C3 GLC D . -11.86 -31.46 8.19
C4 GLC D . -11.43 -31.81 9.61
C5 GLC D . -12.66 -31.77 10.51
C6 GLC D . -12.38 -32.15 11.95
O2 GLC D . -13.04 -29.81 6.90
O3 GLC D . -10.73 -31.44 7.34
O4 GLC D . -10.85 -33.13 9.63
O5 GLC D . -13.21 -30.43 10.51
O6 GLC D . -11.38 -31.30 12.52
C1 GLC D . -9.61 -33.23 10.26
C2 GLC D . -8.51 -33.52 9.24
C3 GLC D . -8.74 -34.88 8.57
C4 GLC D . -8.91 -35.97 9.65
C5 GLC D . -10.00 -35.56 10.63
C6 GLC D . -10.19 -36.56 11.76
O2 GLC D . -8.49 -32.50 8.25
O3 GLC D . -7.64 -35.20 7.74
O4 GLC D . -9.25 -37.19 9.02
O5 GLC D . -9.70 -34.29 11.23
O6 GLC D . -11.30 -36.19 12.57
C2 BGC E . 18.05 8.95 -7.59
C3 BGC E . 18.58 9.43 -6.22
C4 BGC E . 18.06 8.34 -5.27
C5 BGC E . 18.84 7.08 -5.60
C6 BGC E . 18.90 5.93 -4.60
C1 BGC E . 18.64 7.56 -7.96
O1 BGC E . 18.02 7.09 -9.13
O2 BGC E . 18.35 9.90 -8.61
O3 BGC E . 18.09 10.73 -5.88
O4 BGC E . 18.10 8.67 -3.88
O5 BGC E . 18.44 6.57 -6.91
O6 BGC E . 20.26 5.57 -4.40
C1 GLC E . 16.86 8.43 -3.31
C2 GLC E . 15.95 9.67 -3.40
C3 GLC E . 16.47 10.74 -2.47
C4 GLC E . 16.52 10.18 -1.05
C5 GLC E . 17.41 8.93 -1.01
C6 GLC E . 17.34 8.27 0.36
O2 GLC E . 15.88 10.15 -4.73
O3 GLC E . 15.62 11.88 -2.51
O4 GLC E . 17.05 11.18 -0.15
O5 GLC E . 16.97 7.94 -1.96
O6 GLC E . 18.10 7.07 0.40
C1 GLC E . 16.13 12.07 0.38
C2 GLC E . 16.66 13.51 0.25
C3 GLC E . 17.90 13.64 1.07
C4 GLC E . 17.66 13.27 2.46
C5 GLC E . 17.10 11.84 2.57
C6 GLC E . 16.75 11.37 3.97
O2 GLC E . 17.00 13.77 -1.10
O3 GLC E . 18.44 14.95 1.03
O4 GLC E . 18.86 13.37 3.19
O5 GLC E . 15.91 11.73 1.76
O6 GLC E . 15.72 12.17 4.55
CA CA F . -11.69 -18.24 -4.94
CL CL G . -2.68 -4.08 -2.87
S SO4 H . 8.97 26.85 -25.12
O1 SO4 H . 9.45 25.53 -25.56
O2 SO4 H . 9.13 27.83 -26.21
O3 SO4 H . 7.55 26.75 -24.74
O4 SO4 H . 9.75 27.29 -23.94
C1 NAG I . 18.06 31.30 11.84
C2 NAG I . 18.41 31.46 13.32
C3 NAG I . 19.26 32.70 13.53
C4 NAG I . 20.48 32.67 12.61
C5 NAG I . 20.04 32.45 11.16
C6 NAG I . 21.23 32.29 10.23
C7 NAG I . 16.90 30.65 15.02
C8 NAG I . 15.55 30.77 15.71
N2 NAG I . 17.18 31.55 14.10
O3 NAG I . 19.68 32.77 14.88
O4 NAG I . 21.19 33.88 12.73
O5 NAG I . 19.25 31.25 11.05
O6 NAG I . 21.95 31.11 10.51
O7 NAG I . 17.68 29.75 15.34
C1 ACI J . 1.84 -22.34 -10.88
C2 ACI J . 1.03 -22.60 -12.14
C3 ACI J . 0.35 -23.94 -11.90
C4 ACI J . 1.43 -25.03 -11.81
C5 ACI J . 2.77 -24.61 -11.20
C6 ACI J . 3.89 -25.66 -11.13
C7 ACI J . 3.03 -23.31 -10.78
N1 ACI J . 1.76 -21.00 -10.30
O2 ACI J . 0.25 -21.45 -12.46
O3 ACI J . -0.64 -24.17 -12.90
O4 ACI J . 0.89 -26.17 -11.13
O6 ACI J . 4.95 -25.34 -10.22
C1 ACI K . -2.09 -10.88 -5.58
C2 ACI K . -1.05 -10.44 -4.56
C3 ACI K . 0.15 -11.27 -5.00
C4 ACI K . -0.15 -12.77 -4.88
C5 ACI K . -1.65 -13.16 -4.87
C6 ACI K . -2.05 -14.58 -4.49
C7 ACI K . -2.64 -12.27 -5.25
N1 ACI K . -2.72 -10.01 -6.58
O2 ACI K . -1.00 -9.03 -4.36
O3 ACI K . 1.37 -10.88 -4.36
O4 ACI K . 0.48 -13.38 -6.00
O6 ACI K . -2.13 -14.76 -3.08
N PCA L . -16.19 -0.60 8.33
CA PCA L . -15.02 -1.14 7.62
CB PCA L . -15.61 -2.39 6.96
CG PCA L . -16.93 -1.82 6.45
CD PCA L . -17.28 -0.98 7.67
OE PCA L . -18.44 -0.78 8.07
C PCA L . -14.52 -0.15 6.57
O PCA L . -13.39 -0.36 6.07
C1 MPD M . 2.72 -13.79 -11.36
C2 MPD M . 1.54 -14.17 -12.25
O2 MPD M . 1.70 -15.52 -12.69
CM MPD M . 0.23 -14.03 -11.47
C3 MPD M . 1.53 -13.26 -13.49
C4 MPD M . 1.12 -11.84 -13.11
O4 MPD M . 1.91 -11.39 -12.00
C5 MPD M . 1.33 -10.88 -14.29
#